data_3LYK
#
_entry.id   3LYK
#
_cell.length_a   116.327
_cell.length_b   116.327
_cell.length_c   91.339
_cell.angle_alpha   90.000
_cell.angle_beta   90.000
_cell.angle_gamma   120.000
#
_symmetry.space_group_name_H-M   'P 31 2 1'
#
loop_
_entity.id
_entity.type
_entity.pdbx_description
1 polymer 'Stringent starvation protein A homolog'
2 water water
#
_entity_poly.entity_id   1
_entity_poly.type   'polypeptide(L)'
_entity_poly.pdbx_seq_one_letter_code
;(MSE)SLRSV(MSE)TLFSNKDDIYCHQVKIVLAEKGVLYENAEVDLQALPEDL(MSE)ELNPYGTVPTLVDRDLVLFNS
RII(MSE)EYLDERFPHPPL(MSE)QVYPVSRAKDRLL(MSE)LRIEQDWYPTLAKAENGTEKEKTSALKQLKEELLGIA
PIFQQ(MSE)PYF(MSE)NEEFGLVDCYVAPLLWKLKHLGVEFTGTGSKAIKAY(MSE)ERVFTRDSFLQSVGEAAPKNL
(MSE)DDKEGHHHHHH
;
_entity_poly.pdbx_strand_id   A,B
#
# COMPACT_ATOMS: atom_id res chain seq x y z
N VAL A 6 4.55 -26.54 1.79
CA VAL A 6 3.14 -26.29 1.32
C VAL A 6 2.70 -24.78 1.16
N MSE A 7 1.97 -24.55 0.08
CA MSE A 7 1.55 -23.25 -0.39
C MSE A 7 0.05 -23.18 -0.63
O MSE A 7 -0.49 -23.88 -1.52
CB MSE A 7 2.26 -22.95 -1.69
CG MSE A 7 1.76 -21.67 -2.24
SE MSE A 7 2.93 -20.19 -1.66
CE MSE A 7 3.51 -20.13 -3.56
N THR A 8 -0.63 -22.36 0.16
CA THR A 8 -2.08 -22.34 0.20
C THR A 8 -2.59 -20.93 0.00
N LEU A 9 -3.56 -20.76 -0.89
CA LEU A 9 -4.24 -19.51 -0.98
C LEU A 9 -5.67 -19.64 -0.49
N PHE A 10 -5.99 -18.90 0.57
CA PHE A 10 -7.38 -18.73 1.01
C PHE A 10 -7.97 -17.64 0.19
N SER A 11 -9.07 -17.97 -0.45
CA SER A 11 -9.55 -17.22 -1.55
C SER A 11 -11.05 -17.32 -1.68
N ASN A 12 -11.67 -16.27 -2.22
CA ASN A 12 -13.05 -16.41 -2.64
C ASN A 12 -13.12 -16.28 -4.13
N LYS A 13 -13.92 -17.15 -4.75
CA LYS A 13 -14.01 -17.25 -6.21
C LYS A 13 -14.54 -16.00 -6.92
N ASP A 14 -15.35 -15.19 -6.25
CA ASP A 14 -15.87 -13.97 -6.89
C ASP A 14 -15.11 -12.68 -6.50
N ASP A 15 -14.07 -12.80 -5.68
CA ASP A 15 -13.41 -11.63 -5.10
C ASP A 15 -12.31 -11.11 -6.03
N ILE A 16 -12.37 -9.82 -6.38
CA ILE A 16 -11.43 -9.25 -7.33
C ILE A 16 -9.95 -9.32 -6.83
N TYR A 17 -9.73 -9.21 -5.52
CA TYR A 17 -8.41 -9.15 -4.94
C TYR A 17 -7.78 -10.54 -4.97
N CYS A 18 -8.62 -11.57 -4.79
CA CYS A 18 -8.20 -12.96 -4.98
C CYS A 18 -7.82 -13.19 -6.44
N HIS A 19 -8.61 -12.63 -7.34
CA HIS A 19 -8.32 -12.81 -8.71
C HIS A 19 -6.94 -12.21 -9.07
N GLN A 20 -6.62 -10.99 -8.61
CA GLN A 20 -5.29 -10.39 -8.84
C GLN A 20 -4.16 -11.36 -8.47
N VAL A 21 -4.26 -11.95 -7.29
CA VAL A 21 -3.18 -12.76 -6.77
C VAL A 21 -3.07 -14.04 -7.63
N LYS A 22 -4.21 -14.64 -7.94
CA LYS A 22 -4.20 -15.87 -8.80
C LYS A 22 -3.54 -15.66 -10.16
N ILE A 23 -3.70 -14.47 -10.75
CA ILE A 23 -3.01 -14.19 -12.01
C ILE A 23 -1.52 -14.17 -11.80
N VAL A 24 -1.06 -13.50 -10.73
CA VAL A 24 0.39 -13.47 -10.40
C VAL A 24 0.94 -14.87 -10.09
N LEU A 25 0.22 -15.66 -9.30
CA LEU A 25 0.61 -17.06 -9.07
C LEU A 25 0.78 -17.85 -10.38
N ALA A 26 -0.17 -17.68 -11.31
CA ALA A 26 -0.10 -18.36 -12.59
C ALA A 26 1.04 -17.86 -13.42
N GLU A 27 1.27 -16.54 -13.47
CA GLU A 27 2.45 -16.00 -14.24
C GLU A 27 3.77 -16.59 -13.78
N LYS A 28 3.92 -16.70 -12.46
CA LYS A 28 5.17 -17.23 -11.91
C LYS A 28 5.25 -18.77 -12.01
N GLY A 29 4.12 -19.40 -12.37
CA GLY A 29 4.06 -20.86 -12.53
C GLY A 29 4.14 -21.62 -11.23
N VAL A 30 3.79 -20.98 -10.10
CA VAL A 30 3.92 -21.69 -8.84
C VAL A 30 2.66 -22.45 -8.43
N LEU A 31 2.90 -23.66 -7.93
CA LEU A 31 1.83 -24.58 -7.49
C LEU A 31 1.30 -24.14 -6.15
N TYR A 32 -0.02 -24.16 -6.01
CA TYR A 32 -0.62 -23.85 -4.72
C TYR A 32 -1.93 -24.57 -4.56
N GLU A 33 -2.37 -24.71 -3.32
CA GLU A 33 -3.67 -25.27 -3.01
C GLU A 33 -4.62 -24.09 -2.85
N ASN A 34 -5.75 -24.10 -3.55
CA ASN A 34 -6.77 -23.09 -3.39
C ASN A 34 -7.75 -23.51 -2.28
N ALA A 35 -7.73 -22.82 -1.13
CA ALA A 35 -8.74 -23.06 -0.09
C ALA A 35 -9.89 -22.09 -0.23
N GLU A 36 -11.02 -22.61 -0.73
CA GLU A 36 -12.17 -21.76 -1.03
C GLU A 36 -12.86 -21.31 0.24
N VAL A 37 -13.10 -20.02 0.39
CA VAL A 37 -13.78 -19.58 1.58
C VAL A 37 -15.08 -18.87 1.26
N ASP A 38 -16.09 -19.17 2.07
CA ASP A 38 -17.37 -18.49 2.07
C ASP A 38 -17.19 -17.30 3.03
N LEU A 39 -17.42 -16.09 2.52
CA LEU A 39 -17.21 -14.86 3.28
C LEU A 39 -18.12 -14.74 4.51
N GLN A 40 -19.31 -15.33 4.42
CA GLN A 40 -20.28 -15.24 5.51
C GLN A 40 -20.07 -16.28 6.61
N ALA A 41 -19.16 -17.22 6.38
CA ALA A 41 -18.85 -18.28 7.36
C ALA A 41 -17.38 -18.66 7.28
N LEU A 42 -16.53 -17.87 7.93
CA LEU A 42 -15.10 -18.01 7.77
C LEU A 42 -14.57 -19.22 8.55
N PRO A 43 -13.73 -20.06 7.91
CA PRO A 43 -13.21 -21.26 8.57
C PRO A 43 -12.27 -20.91 9.74
N GLU A 44 -12.15 -21.82 10.71
CA GLU A 44 -11.27 -21.56 11.86
C GLU A 44 -9.79 -21.54 11.49
N ASP A 45 -9.36 -22.45 10.61
CA ASP A 45 -7.95 -22.49 10.17
C ASP A 45 -7.46 -21.18 9.49
N LEU A 46 -8.36 -20.42 8.86
CA LEU A 46 -8.02 -19.09 8.37
C LEU A 46 -7.87 -18.08 9.52
N MSE A 47 -8.85 -18.08 10.44
CA MSE A 47 -8.83 -17.20 11.61
C MSE A 47 -7.56 -17.34 12.48
O MSE A 47 -7.06 -16.35 13.01
CB MSE A 47 -10.07 -17.41 12.48
CG MSE A 47 -11.39 -17.14 11.77
SE MSE A 47 -11.50 -15.40 10.87
CE MSE A 47 -11.08 -14.21 12.40
N GLU A 48 -7.05 -18.56 12.62
CA GLU A 48 -5.84 -18.80 13.44
C GLU A 48 -4.55 -18.32 12.75
N LEU A 49 -4.54 -18.29 11.41
CA LEU A 49 -3.40 -17.77 10.65
C LEU A 49 -3.48 -16.27 10.46
N ASN A 50 -4.69 -15.77 10.21
CA ASN A 50 -4.94 -14.38 9.97
C ASN A 50 -6.11 -13.85 10.83
N PRO A 51 -5.81 -13.38 12.06
CA PRO A 51 -6.82 -12.82 12.97
C PRO A 51 -7.80 -11.84 12.30
N TYR A 52 -7.40 -11.16 11.24
CA TYR A 52 -8.29 -10.19 10.60
C TYR A 52 -9.36 -10.87 9.73
N GLY A 53 -9.19 -12.18 9.49
CA GLY A 53 -10.10 -12.94 8.63
C GLY A 53 -10.44 -12.31 7.28
N THR A 54 -9.43 -11.89 6.52
CA THR A 54 -9.65 -11.36 5.17
C THR A 54 -9.09 -12.33 4.12
N VAL A 55 -9.57 -12.20 2.88
CA VAL A 55 -9.02 -12.91 1.75
C VAL A 55 -8.65 -11.86 0.73
N PRO A 56 -7.61 -12.13 -0.10
CA PRO A 56 -6.76 -13.33 -0.13
C PRO A 56 -5.80 -13.40 1.03
N THR A 57 -5.53 -14.62 1.51
CA THR A 57 -4.49 -14.83 2.48
C THR A 57 -3.62 -15.95 1.95
N LEU A 58 -2.33 -15.71 1.86
CA LEU A 58 -1.44 -16.68 1.29
C LEU A 58 -0.56 -17.24 2.35
N VAL A 59 -0.34 -18.56 2.34
CA VAL A 59 0.56 -19.20 3.29
C VAL A 59 1.68 -19.90 2.56
N ASP A 60 2.91 -19.47 2.80
CA ASP A 60 4.07 -20.00 2.10
C ASP A 60 5.07 -20.56 3.12
N ARG A 61 5.18 -21.89 3.17
N ARG A 61 5.20 -21.89 3.16
CA ARG A 61 5.89 -22.60 4.23
CA ARG A 61 5.88 -22.63 4.24
C ARG A 61 5.42 -21.99 5.54
C ARG A 61 5.44 -22.02 5.57
N ASP A 62 6.30 -21.23 6.21
CA ASP A 62 5.95 -20.57 7.52
C ASP A 62 5.33 -19.14 7.47
N LEU A 63 5.40 -18.49 6.31
CA LEU A 63 4.99 -17.10 6.12
C LEU A 63 3.50 -16.96 5.81
N VAL A 64 2.79 -16.17 6.59
CA VAL A 64 1.42 -15.84 6.34
C VAL A 64 1.31 -14.40 5.83
N LEU A 65 0.61 -14.18 4.70
CA LEU A 65 0.43 -12.84 4.15
C LEU A 65 -0.99 -12.53 3.80
N PHE A 66 -1.38 -11.27 3.97
CA PHE A 66 -2.67 -10.86 3.49
C PHE A 66 -2.52 -9.50 2.89
N ASN A 67 -3.61 -9.03 2.28
CA ASN A 67 -3.62 -7.81 1.49
C ASN A 67 -2.98 -8.10 0.12
N SER A 68 -3.76 -7.93 -0.96
CA SER A 68 -3.32 -8.47 -2.23
C SER A 68 -2.05 -7.77 -2.75
N ARG A 69 -1.92 -6.45 -2.46
CA ARG A 69 -0.73 -5.70 -2.87
C ARG A 69 0.56 -6.26 -2.27
N ILE A 70 0.52 -6.64 -1.00
CA ILE A 70 1.69 -7.17 -0.30
C ILE A 70 2.03 -8.58 -0.84
N ILE A 71 0.99 -9.38 -1.07
CA ILE A 71 1.16 -10.72 -1.65
C ILE A 71 1.80 -10.66 -3.03
N MSE A 72 1.26 -9.81 -3.90
CA MSE A 72 1.81 -9.64 -5.23
C MSE A 72 3.25 -9.19 -5.26
O MSE A 72 4.04 -9.69 -6.05
CB MSE A 72 0.92 -8.68 -6.06
CG MSE A 72 -0.46 -9.34 -6.39
SE MSE A 72 -1.43 -8.22 -7.67
CE MSE A 72 -2.21 -6.99 -6.43
N GLU A 73 3.61 -8.25 -4.38
CA GLU A 73 4.98 -7.76 -4.34
C GLU A 73 5.89 -8.85 -3.81
N TYR A 74 5.43 -9.57 -2.78
CA TYR A 74 6.16 -10.73 -2.30
C TYR A 74 6.41 -11.77 -3.44
N LEU A 75 5.37 -12.11 -4.18
CA LEU A 75 5.51 -13.10 -5.28
C LEU A 75 6.47 -12.58 -6.35
N ASP A 76 6.37 -11.30 -6.69
CA ASP A 76 7.25 -10.76 -7.72
C ASP A 76 8.72 -10.77 -7.27
N GLU A 77 8.93 -10.61 -5.96
CA GLU A 77 10.28 -10.63 -5.42
C GLU A 77 10.78 -12.02 -5.14
N ARG A 78 9.91 -12.88 -4.61
N ARG A 78 9.91 -12.89 -4.62
CA ARG A 78 10.34 -14.26 -4.32
CA ARG A 78 10.31 -14.27 -4.30
C ARG A 78 10.59 -15.06 -5.60
C ARG A 78 10.51 -15.13 -5.55
N PHE A 79 9.74 -14.84 -6.61
CA PHE A 79 9.81 -15.62 -7.88
C PHE A 79 10.12 -14.63 -9.00
N PRO A 80 11.41 -14.38 -9.23
CA PRO A 80 11.76 -13.18 -9.99
C PRO A 80 11.30 -13.17 -11.46
N HIS A 81 11.35 -14.31 -12.16
CA HIS A 81 10.88 -14.38 -13.57
C HIS A 81 9.48 -15.00 -13.70
N PRO A 82 8.68 -14.50 -14.67
CA PRO A 82 8.93 -13.31 -15.52
C PRO A 82 8.69 -12.06 -14.66
N PRO A 83 9.47 -10.99 -14.90
CA PRO A 83 9.37 -9.85 -14.00
C PRO A 83 8.04 -9.12 -14.27
N LEU A 84 7.30 -8.76 -13.23
CA LEU A 84 6.02 -8.10 -13.45
C LEU A 84 6.07 -6.59 -13.06
N MSE A 85 7.29 -6.11 -12.78
CA MSE A 85 7.51 -4.66 -12.46
C MSE A 85 8.71 -4.27 -13.28
O MSE A 85 9.55 -5.12 -13.61
CB MSE A 85 7.90 -4.47 -11.00
CG MSE A 85 6.82 -4.75 -10.02
SE MSE A 85 5.54 -3.26 -10.03
CE MSE A 85 6.48 -2.11 -8.76
N GLN A 86 8.81 -2.99 -13.61
CA GLN A 86 9.99 -2.53 -14.31
C GLN A 86 11.16 -2.51 -13.34
N VAL A 87 12.32 -2.10 -13.86
CA VAL A 87 13.54 -2.06 -13.08
C VAL A 87 13.86 -0.67 -12.47
N TYR A 88 13.61 0.39 -13.21
CA TYR A 88 13.94 1.75 -12.72
C TYR A 88 13.00 2.20 -11.59
N PRO A 89 13.58 2.77 -10.50
CA PRO A 89 12.76 3.32 -9.39
C PRO A 89 11.65 4.26 -9.84
N VAL A 90 11.92 5.12 -10.81
CA VAL A 90 10.90 6.06 -11.31
C VAL A 90 9.70 5.28 -11.92
N SER A 91 9.97 4.36 -12.85
CA SER A 91 8.88 3.57 -13.47
C SER A 91 8.11 2.73 -12.47
N ARG A 92 8.81 2.15 -11.48
CA ARG A 92 8.14 1.34 -10.45
C ARG A 92 7.17 2.17 -9.62
N ALA A 93 7.60 3.40 -9.33
CA ALA A 93 6.80 4.32 -8.52
C ALA A 93 5.57 4.77 -9.31
N LYS A 94 5.77 5.11 -10.57
CA LYS A 94 4.65 5.46 -11.44
C LYS A 94 3.61 4.33 -11.50
N ASP A 95 4.06 3.09 -11.66
CA ASP A 95 3.18 1.94 -11.73
C ASP A 95 2.46 1.72 -10.40
N ARG A 96 3.20 1.80 -9.29
CA ARG A 96 2.54 1.76 -7.99
C ARG A 96 1.45 2.79 -7.85
N LEU A 97 1.67 3.98 -8.39
CA LEU A 97 0.72 5.05 -8.21
C LEU A 97 -0.50 4.84 -9.11
N LEU A 98 -0.29 4.39 -10.34
CA LEU A 98 -1.39 3.85 -11.20
C LEU A 98 -2.28 2.84 -10.50
N MSE A 99 -1.65 1.82 -9.91
CA MSE A 99 -2.39 0.79 -9.24
C MSE A 99 -3.20 1.35 -8.07
O MSE A 99 -4.38 0.99 -7.91
CB MSE A 99 -1.46 -0.32 -8.73
CG MSE A 99 -0.75 -1.06 -9.91
SE MSE A 99 0.38 -2.49 -9.17
CE MSE A 99 2.14 -1.72 -9.57
N LEU A 100 -2.56 2.19 -7.25
CA LEU A 100 -3.27 2.85 -6.15
C LEU A 100 -4.52 3.59 -6.66
N ARG A 101 -4.38 4.31 -7.76
CA ARG A 101 -5.45 5.11 -8.32
C ARG A 101 -6.59 4.26 -8.93
N ILE A 102 -6.22 3.23 -9.68
CA ILE A 102 -7.18 2.22 -10.13
C ILE A 102 -8.01 1.68 -8.98
N GLU A 103 -7.35 1.16 -7.95
CA GLU A 103 -8.05 0.57 -6.83
C GLU A 103 -8.93 1.58 -6.04
N GLN A 104 -8.47 2.81 -5.95
CA GLN A 104 -9.15 3.81 -5.14
C GLN A 104 -10.31 4.45 -5.89
N ASP A 105 -10.13 4.68 -7.18
CA ASP A 105 -11.10 5.39 -7.97
C ASP A 105 -12.08 4.48 -8.72
N TRP A 106 -11.62 3.31 -9.19
CA TRP A 106 -12.47 2.42 -10.04
C TRP A 106 -13.11 1.28 -9.28
N TYR A 107 -12.38 0.69 -8.35
CA TYR A 107 -12.89 -0.46 -7.65
C TYR A 107 -14.19 -0.24 -6.86
N PRO A 108 -14.36 0.93 -6.17
CA PRO A 108 -15.63 1.12 -5.41
C PRO A 108 -16.87 1.20 -6.31
N THR A 109 -16.74 1.80 -7.48
CA THR A 109 -17.78 1.85 -8.46
C THR A 109 -18.11 0.43 -8.97
N LEU A 110 -17.09 -0.43 -9.06
CA LEU A 110 -17.28 -1.82 -9.48
C LEU A 110 -18.02 -2.61 -8.40
N ALA A 111 -17.67 -2.39 -7.13
CA ALA A 111 -18.39 -3.02 -6.02
C ALA A 111 -19.88 -2.61 -5.99
N LYS A 112 -20.13 -1.36 -6.29
CA LYS A 112 -21.46 -0.79 -6.27
C LYS A 112 -22.27 -1.47 -7.37
N ALA A 113 -21.66 -1.64 -8.53
CA ALA A 113 -22.27 -2.35 -9.65
C ALA A 113 -22.56 -3.85 -9.38
N GLU A 114 -22.04 -4.41 -8.30
CA GLU A 114 -22.35 -5.80 -7.95
C GLU A 114 -23.17 -5.92 -6.68
N ASN A 115 -23.11 -4.91 -5.81
CA ASN A 115 -23.68 -5.03 -4.47
C ASN A 115 -24.87 -4.12 -4.19
N GLY A 116 -25.14 -3.18 -5.09
CA GLY A 116 -26.20 -2.22 -4.87
C GLY A 116 -27.60 -2.72 -5.21
N THR A 117 -28.57 -1.82 -5.06
CA THR A 117 -29.91 -2.01 -5.59
C THR A 117 -29.81 -1.98 -7.11
N GLU A 118 -30.92 -2.28 -7.79
CA GLU A 118 -30.93 -2.33 -9.25
C GLU A 118 -30.71 -0.97 -9.87
N LYS A 119 -31.09 0.09 -9.14
CA LYS A 119 -30.83 1.47 -9.58
C LYS A 119 -29.35 1.80 -9.46
N GLU A 120 -28.79 1.56 -8.28
CA GLU A 120 -27.36 1.72 -8.03
C GLU A 120 -26.52 0.96 -9.08
N LYS A 121 -26.86 -0.31 -9.34
CA LYS A 121 -26.11 -1.15 -10.30
C LYS A 121 -26.01 -0.60 -11.73
N THR A 122 -27.11 -0.07 -12.24
CA THR A 122 -27.19 0.36 -13.63
C THR A 122 -26.45 1.67 -13.80
N SER A 123 -26.46 2.45 -12.72
CA SER A 123 -25.81 3.73 -12.68
C SER A 123 -24.27 3.56 -12.66
N ALA A 124 -23.79 2.73 -11.73
CA ALA A 124 -22.35 2.39 -11.64
C ALA A 124 -21.78 1.86 -12.95
N LEU A 125 -22.52 0.95 -13.58
CA LEU A 125 -22.13 0.37 -14.87
C LEU A 125 -21.93 1.41 -15.97
N LYS A 126 -22.80 2.42 -15.98
CA LYS A 126 -22.71 3.53 -16.94
C LYS A 126 -21.51 4.45 -16.67
N GLN A 127 -21.28 4.77 -15.38
CA GLN A 127 -20.11 5.53 -14.96
C GLN A 127 -18.79 4.84 -15.40
N LEU A 128 -18.58 3.59 -14.96
CA LEU A 128 -17.35 2.84 -15.30
C LEU A 128 -17.12 2.74 -16.79
N LYS A 129 -18.14 2.32 -17.51
CA LYS A 129 -18.10 2.29 -18.97
C LYS A 129 -17.71 3.65 -19.58
N GLU A 130 -18.22 4.75 -19.00
CA GLU A 130 -17.88 6.12 -19.41
C GLU A 130 -16.41 6.45 -19.19
N GLU A 131 -15.93 6.25 -17.96
CA GLU A 131 -14.52 6.55 -17.69
C GLU A 131 -13.52 5.70 -18.47
N LEU A 132 -13.88 4.45 -18.74
CA LEU A 132 -13.01 3.56 -19.51
C LEU A 132 -12.94 4.01 -20.96
N LEU A 133 -14.09 4.33 -21.54
CA LEU A 133 -14.09 4.92 -22.88
C LEU A 133 -13.37 6.27 -22.93
N GLY A 134 -13.41 7.04 -21.83
CA GLY A 134 -12.65 8.30 -21.75
C GLY A 134 -11.14 8.14 -21.91
N ILE A 135 -10.59 7.03 -21.40
CA ILE A 135 -9.13 6.86 -21.45
C ILE A 135 -8.68 5.97 -22.58
N ALA A 136 -9.61 5.70 -23.51
CA ALA A 136 -9.33 4.92 -24.71
C ALA A 136 -7.96 5.18 -25.35
N PRO A 137 -7.54 6.47 -25.44
CA PRO A 137 -6.19 6.69 -26.02
C PRO A 137 -5.00 6.19 -25.16
N ILE A 138 -5.21 5.97 -23.87
CA ILE A 138 -4.22 5.28 -23.03
C ILE A 138 -4.03 3.83 -23.50
N PHE A 139 -5.14 3.08 -23.64
CA PHE A 139 -5.10 1.70 -24.17
C PHE A 139 -4.51 1.70 -25.56
N GLN A 140 -4.66 2.84 -26.24
CA GLN A 140 -4.13 3.05 -27.57
C GLN A 140 -2.59 3.12 -27.60
N GLN A 141 -2.02 3.71 -26.55
CA GLN A 141 -0.58 4.04 -26.46
C GLN A 141 0.33 2.82 -26.60
N MSE A 142 0.05 1.77 -25.82
CA MSE A 142 0.97 0.62 -25.67
C MSE A 142 0.20 -0.70 -25.59
O MSE A 142 -0.99 -0.68 -25.30
CB MSE A 142 1.87 0.86 -24.45
CG MSE A 142 3.09 1.73 -24.77
SE MSE A 142 4.00 2.27 -23.16
CE MSE A 142 3.16 4.01 -22.83
N PRO A 143 0.87 -1.84 -25.86
CA PRO A 143 0.01 -3.04 -25.87
C PRO A 143 -0.57 -3.35 -24.49
N TYR A 144 0.22 -3.22 -23.43
CA TYR A 144 -0.28 -3.47 -22.10
C TYR A 144 -0.56 -2.10 -21.44
N PHE A 145 -1.10 -2.07 -20.23
CA PHE A 145 -1.66 -0.83 -19.75
C PHE A 145 -0.54 0.11 -19.29
N MSE A 146 -0.26 1.13 -20.11
CA MSE A 146 0.83 2.11 -19.85
C MSE A 146 2.21 1.46 -19.83
O MSE A 146 3.15 2.01 -19.26
CB MSE A 146 0.65 2.83 -18.51
CG MSE A 146 -0.64 3.59 -18.45
SE MSE A 146 -0.52 5.26 -19.41
CE MSE A 146 0.92 5.08 -20.70
N ASN A 147 2.32 0.29 -20.44
CA ASN A 147 3.54 -0.47 -20.40
C ASN A 147 3.60 -1.32 -21.64
N GLU A 148 4.81 -1.64 -22.03
CA GLU A 148 5.06 -2.43 -23.19
C GLU A 148 4.92 -3.93 -22.88
N GLU A 149 5.09 -4.28 -21.61
CA GLU A 149 5.12 -5.67 -21.19
C GLU A 149 4.04 -5.85 -20.16
N PHE A 150 3.45 -7.05 -20.12
CA PHE A 150 2.44 -7.37 -19.15
C PHE A 150 3.02 -7.25 -17.73
N GLY A 151 2.30 -6.64 -16.79
CA GLY A 151 2.87 -6.56 -15.44
C GLY A 151 1.82 -6.38 -14.41
N LEU A 152 2.22 -5.99 -13.21
CA LEU A 152 1.26 -5.86 -12.09
C LEU A 152 0.14 -4.88 -12.36
N VAL A 153 0.42 -3.83 -13.09
CA VAL A 153 -0.67 -2.91 -13.41
C VAL A 153 -1.84 -3.66 -14.14
N ASP A 154 -1.50 -4.54 -15.07
CA ASP A 154 -2.50 -5.33 -15.79
C ASP A 154 -3.27 -6.27 -14.87
N CYS A 155 -2.62 -6.72 -13.79
CA CYS A 155 -3.31 -7.44 -12.74
C CYS A 155 -4.30 -6.61 -11.96
N TYR A 156 -4.31 -5.30 -12.10
CA TYR A 156 -5.40 -4.47 -11.50
C TYR A 156 -6.46 -4.21 -12.55
N VAL A 157 -6.03 -3.95 -13.78
CA VAL A 157 -6.97 -3.55 -14.81
C VAL A 157 -7.77 -4.79 -15.30
N ALA A 158 -7.07 -5.90 -15.62
CA ALA A 158 -7.71 -7.09 -16.23
C ALA A 158 -8.88 -7.66 -15.42
N PRO A 159 -8.71 -7.91 -14.09
CA PRO A 159 -9.82 -8.45 -13.32
C PRO A 159 -11.04 -7.53 -13.30
N LEU A 160 -10.81 -6.22 -13.41
CA LEU A 160 -11.95 -5.28 -13.49
C LEU A 160 -12.70 -5.39 -14.81
N LEU A 161 -11.98 -5.43 -15.92
CA LEU A 161 -12.62 -5.63 -17.21
C LEU A 161 -13.32 -7.01 -17.33
N TRP A 162 -12.77 -8.02 -16.66
CA TRP A 162 -13.33 -9.36 -16.65
C TRP A 162 -14.66 -9.27 -15.95
N LYS A 163 -14.70 -8.64 -14.77
CA LYS A 163 -15.98 -8.52 -14.05
C LYS A 163 -17.02 -7.80 -14.88
N LEU A 164 -16.59 -6.75 -15.56
CA LEU A 164 -17.50 -5.95 -16.36
C LEU A 164 -18.08 -6.77 -17.50
N LYS A 165 -17.24 -7.55 -18.16
CA LYS A 165 -17.64 -8.40 -19.27
C LYS A 165 -18.79 -9.31 -18.81
N HIS A 166 -18.61 -9.92 -17.65
CA HIS A 166 -19.57 -10.82 -17.06
C HIS A 166 -20.77 -10.09 -16.43
N LEU A 167 -20.76 -8.75 -16.47
CA LEU A 167 -21.93 -8.00 -15.99
C LEU A 167 -22.70 -7.42 -17.13
N GLY A 168 -22.32 -7.78 -18.34
CA GLY A 168 -23.11 -7.48 -19.51
C GLY A 168 -22.61 -6.33 -20.31
N VAL A 169 -21.59 -5.63 -19.80
CA VAL A 169 -20.99 -4.49 -20.50
C VAL A 169 -20.39 -4.90 -21.84
N GLU A 170 -20.74 -4.17 -22.90
CA GLU A 170 -20.11 -4.32 -24.20
C GLU A 170 -19.60 -2.96 -24.66
N PHE A 171 -18.41 -2.95 -25.26
CA PHE A 171 -17.84 -1.71 -25.73
C PHE A 171 -18.06 -1.56 -27.22
N THR A 172 -18.74 -0.47 -27.58
CA THR A 172 -18.91 -0.02 -28.98
C THR A 172 -18.78 1.51 -29.01
N GLY A 173 -18.67 2.07 -30.21
CA GLY A 173 -18.42 3.51 -30.33
C GLY A 173 -16.93 3.76 -30.27
N THR A 174 -16.53 5.03 -30.24
CA THR A 174 -15.12 5.46 -30.41
C THR A 174 -14.22 4.98 -29.27
N GLY A 175 -13.03 4.50 -29.63
CA GLY A 175 -12.05 4.01 -28.66
C GLY A 175 -12.37 2.64 -28.06
N SER A 176 -13.56 2.13 -28.36
CA SER A 176 -13.93 0.79 -27.91
C SER A 176 -13.01 -0.25 -28.55
N LYS A 177 -12.39 0.11 -29.67
CA LYS A 177 -11.50 -0.77 -30.38
C LYS A 177 -10.16 -1.06 -29.64
N ALA A 178 -9.60 -0.03 -29.00
CA ALA A 178 -8.35 -0.20 -28.30
C ALA A 178 -8.59 -1.05 -27.03
N ILE A 179 -9.71 -0.80 -26.36
CA ILE A 179 -10.14 -1.50 -25.16
C ILE A 179 -10.43 -3.01 -25.42
N LYS A 180 -11.14 -3.32 -26.50
CA LYS A 180 -11.41 -4.71 -26.89
C LYS A 180 -10.13 -5.42 -27.23
N ALA A 181 -9.26 -4.78 -28.02
CA ALA A 181 -7.96 -5.36 -28.36
C ALA A 181 -7.11 -5.65 -27.12
N TYR A 182 -7.20 -4.76 -26.12
CA TYR A 182 -6.50 -5.00 -24.85
C TYR A 182 -7.09 -6.22 -24.11
N MSE A 183 -8.41 -6.30 -24.08
CA MSE A 183 -9.10 -7.42 -23.45
C MSE A 183 -8.73 -8.74 -24.08
O MSE A 183 -8.39 -9.69 -23.38
CB MSE A 183 -10.61 -7.21 -23.41
CG MSE A 183 -11.00 -6.18 -22.35
SE MSE A 183 -12.84 -5.48 -22.52
CE MSE A 183 -13.85 -6.80 -21.55
N GLU A 184 -8.77 -8.78 -25.41
CA GLU A 184 -8.42 -9.98 -26.14
C GLU A 184 -7.00 -10.41 -25.81
N ARG A 185 -6.09 -9.44 -25.74
CA ARG A 185 -4.69 -9.67 -25.46
C ARG A 185 -4.41 -10.19 -24.03
N VAL A 186 -5.06 -9.65 -22.99
CA VAL A 186 -4.81 -10.15 -21.63
C VAL A 186 -5.63 -11.40 -21.30
N PHE A 187 -6.91 -11.42 -21.71
CA PHE A 187 -7.80 -12.54 -21.39
C PHE A 187 -7.34 -13.83 -21.99
N THR A 188 -6.65 -13.80 -23.13
CA THR A 188 -6.17 -15.05 -23.75
C THR A 188 -4.74 -15.49 -23.34
N ARG A 189 -4.08 -14.76 -22.44
CA ARG A 189 -2.82 -15.26 -21.87
C ARG A 189 -3.07 -16.52 -21.06
N ASP A 190 -2.14 -17.48 -21.11
CA ASP A 190 -2.26 -18.71 -20.27
C ASP A 190 -2.49 -18.41 -18.79
N SER A 191 -1.77 -17.43 -18.26
CA SER A 191 -1.92 -17.14 -16.81
C SER A 191 -3.30 -16.61 -16.51
N PHE A 192 -3.79 -15.72 -17.34
CA PHE A 192 -5.14 -15.23 -17.07
C PHE A 192 -6.23 -16.38 -17.12
N LEU A 193 -6.10 -17.23 -18.13
CA LEU A 193 -7.08 -18.34 -18.31
C LEU A 193 -6.96 -19.30 -17.13
N GLN A 194 -5.75 -19.61 -16.68
CA GLN A 194 -5.63 -20.36 -15.43
C GLN A 194 -6.30 -19.66 -14.25
N SER A 195 -6.15 -18.32 -14.13
CA SER A 195 -6.62 -17.61 -12.92
C SER A 195 -8.13 -17.61 -12.75
N VAL A 196 -8.85 -17.79 -13.86
CA VAL A 196 -10.31 -17.86 -13.85
C VAL A 196 -10.82 -19.31 -13.91
N GLY A 197 -9.93 -20.29 -13.95
CA GLY A 197 -10.29 -21.70 -14.20
C GLY A 197 -10.99 -22.37 -13.03
N SER B 2 25.62 15.79 1.59
CA SER B 2 24.21 15.56 1.17
C SER B 2 24.08 15.52 -0.34
N LEU B 3 22.90 15.12 -0.82
CA LEU B 3 22.67 14.99 -2.24
C LEU B 3 21.85 16.15 -2.75
N ARG B 4 22.35 16.78 -3.80
CA ARG B 4 21.74 18.03 -4.28
C ARG B 4 20.59 17.76 -5.25
N SER B 5 19.50 17.22 -4.73
CA SER B 5 18.36 16.95 -5.58
C SER B 5 17.58 18.26 -5.76
N VAL B 6 16.67 18.26 -6.72
CA VAL B 6 15.82 19.41 -6.94
C VAL B 6 14.39 18.97 -6.60
N MSE B 7 14.20 18.45 -5.41
CA MSE B 7 12.86 17.98 -5.08
C MSE B 7 12.11 18.99 -4.23
O MSE B 7 12.72 19.76 -3.51
CB MSE B 7 12.94 16.60 -4.41
CG MSE B 7 13.38 15.52 -5.40
SE MSE B 7 13.42 13.68 -4.64
CE MSE B 7 13.58 14.26 -2.85
N THR B 8 10.80 18.96 -4.33
CA THR B 8 9.92 19.71 -3.45
C THR B 8 8.99 18.71 -2.78
N LEU B 9 8.91 18.81 -1.44
CA LEU B 9 7.95 18.09 -0.66
C LEU B 9 6.85 19.03 -0.18
N PHE B 10 5.62 18.80 -0.64
CA PHE B 10 4.44 19.46 -0.06
C PHE B 10 4.05 18.68 1.14
N SER B 11 4.00 19.37 2.28
CA SER B 11 3.71 18.66 3.51
C SER B 11 3.09 19.57 4.53
N ASN B 12 2.54 18.93 5.56
CA ASN B 12 2.08 19.64 6.73
C ASN B 12 2.85 19.17 7.95
N LYS B 13 3.32 20.11 8.77
CA LYS B 13 4.18 19.80 9.91
C LYS B 13 3.56 18.98 11.03
N ASP B 14 2.23 18.86 11.09
CA ASP B 14 1.63 18.01 12.10
C ASP B 14 1.14 16.67 11.57
N ASP B 15 1.32 16.42 10.27
CA ASP B 15 0.78 15.21 9.65
C ASP B 15 1.78 14.04 9.79
N ILE B 16 1.32 12.90 10.30
CA ILE B 16 2.19 11.77 10.63
C ILE B 16 2.85 11.14 9.38
N TYR B 17 2.11 11.16 8.26
CA TYR B 17 2.56 10.67 6.96
C TYR B 17 3.66 11.57 6.41
N CYS B 18 3.55 12.88 6.61
CA CYS B 18 4.60 13.80 6.18
C CYS B 18 5.83 13.53 7.04
N HIS B 19 5.61 13.28 8.31
CA HIS B 19 6.73 12.99 9.20
C HIS B 19 7.52 11.72 8.77
N GLN B 20 6.80 10.63 8.44
CA GLN B 20 7.44 9.43 7.92
C GLN B 20 8.40 9.74 6.74
N VAL B 21 7.89 10.49 5.77
CA VAL B 21 8.63 10.81 4.58
C VAL B 21 9.87 11.68 4.89
N LYS B 22 9.70 12.67 5.78
CA LYS B 22 10.89 13.51 6.15
C LYS B 22 11.97 12.70 6.83
N ILE B 23 11.61 11.70 7.60
CA ILE B 23 12.66 10.88 8.21
C ILE B 23 13.43 10.14 7.10
N VAL B 24 12.69 9.60 6.12
CA VAL B 24 13.38 8.87 5.03
C VAL B 24 14.25 9.78 4.19
N LEU B 25 13.74 10.98 3.86
CA LEU B 25 14.57 11.96 3.12
C LEU B 25 15.88 12.29 3.85
N ALA B 26 15.83 12.40 5.19
CA ALA B 26 16.99 12.75 5.98
C ALA B 26 17.93 11.55 6.12
N GLU B 27 17.39 10.34 6.28
CA GLU B 27 18.22 9.15 6.29
C GLU B 27 19.06 9.07 5.02
N LYS B 28 18.44 9.35 3.88
CA LYS B 28 19.11 9.24 2.60
C LYS B 28 20.02 10.43 2.27
N GLY B 29 19.94 11.51 3.07
CA GLY B 29 20.76 12.71 2.90
C GLY B 29 20.38 13.54 1.70
N VAL B 30 19.11 13.50 1.33
CA VAL B 30 18.63 14.13 0.12
C VAL B 30 18.19 15.57 0.47
N LEU B 31 18.72 16.54 -0.26
CA LEU B 31 18.28 17.93 -0.10
C LEU B 31 17.00 18.18 -0.87
N TYR B 32 16.10 18.91 -0.27
CA TYR B 32 14.84 19.13 -0.91
C TYR B 32 14.26 20.43 -0.34
N GLU B 33 13.33 21.04 -1.07
CA GLU B 33 12.58 22.17 -0.56
C GLU B 33 11.26 21.73 0.16
N ASN B 34 11.08 22.16 1.41
CA ASN B 34 9.82 21.94 2.13
C ASN B 34 8.77 23.02 1.78
N ALA B 35 7.62 22.63 1.24
CA ALA B 35 6.57 23.63 1.00
C ALA B 35 5.44 23.30 1.95
N GLU B 36 5.34 24.12 3.00
CA GLU B 36 4.38 23.89 4.05
C GLU B 36 2.98 24.13 3.49
N VAL B 37 2.01 23.30 3.88
CA VAL B 37 0.66 23.51 3.39
C VAL B 37 -0.30 23.42 4.55
N ASP B 38 -1.28 24.31 4.49
CA ASP B 38 -2.40 24.33 5.42
C ASP B 38 -3.49 23.47 4.80
N LEU B 39 -3.96 22.48 5.55
CA LEU B 39 -4.97 21.54 5.04
C LEU B 39 -6.31 22.16 4.63
N GLN B 40 -6.69 23.31 5.19
N GLN B 40 -6.69 23.29 5.23
CA GLN B 40 -7.96 23.96 4.80
CA GLN B 40 -7.95 23.96 4.86
C GLN B 40 -7.79 24.89 3.62
C GLN B 40 -7.71 25.16 3.94
N ALA B 41 -6.55 25.22 3.29
CA ALA B 41 -6.21 26.25 2.29
C ALA B 41 -5.06 25.82 1.39
N LEU B 42 -5.31 24.80 0.57
CA LEU B 42 -4.27 24.13 -0.20
C LEU B 42 -3.77 25.07 -1.25
N PRO B 43 -2.46 25.05 -1.55
CA PRO B 43 -2.00 25.94 -2.61
C PRO B 43 -2.40 25.43 -4.01
N GLU B 44 -2.68 26.38 -4.93
CA GLU B 44 -3.08 26.02 -6.30
C GLU B 44 -1.98 25.22 -7.02
N ASP B 45 -0.72 25.49 -6.72
CA ASP B 45 0.31 24.71 -7.41
C ASP B 45 0.33 23.21 -6.99
N LEU B 46 -0.02 22.89 -5.73
CA LEU B 46 -0.25 21.50 -5.34
C LEU B 46 -1.43 20.89 -6.12
N MSE B 47 -2.55 21.62 -6.20
CA MSE B 47 -3.74 21.15 -6.97
C MSE B 47 -3.44 20.85 -8.46
O MSE B 47 -3.95 19.89 -9.00
CB MSE B 47 -4.90 22.16 -6.89
CG MSE B 47 -5.28 22.53 -5.47
SE MSE B 47 -5.67 20.97 -4.34
CE MSE B 47 -6.93 19.95 -5.49
N GLU B 48 -2.63 21.69 -9.08
CA GLU B 48 -2.13 21.54 -10.45
C GLU B 48 -1.34 20.21 -10.63
N LEU B 49 -0.51 19.87 -9.64
CA LEU B 49 0.39 18.73 -9.72
C LEU B 49 -0.27 17.45 -9.21
N ASN B 50 -1.11 17.57 -8.18
CA ASN B 50 -1.79 16.44 -7.55
C ASN B 50 -3.26 16.80 -7.36
N PRO B 51 -4.12 16.32 -8.29
CA PRO B 51 -5.53 16.73 -8.22
C PRO B 51 -6.28 16.15 -7.02
N TYR B 52 -5.75 15.13 -6.35
CA TYR B 52 -6.41 14.65 -5.13
C TYR B 52 -6.17 15.63 -3.98
N GLY B 53 -5.18 16.51 -4.13
CA GLY B 53 -4.87 17.52 -3.13
C GLY B 53 -4.48 16.95 -1.78
N THR B 54 -3.64 15.91 -1.76
CA THR B 54 -3.23 15.28 -0.50
C THR B 54 -1.75 15.59 -0.22
N VAL B 55 -1.34 15.43 1.03
CA VAL B 55 0.06 15.50 1.35
C VAL B 55 0.38 14.26 2.15
N PRO B 56 1.64 13.81 2.15
CA PRO B 56 2.79 14.35 1.40
C PRO B 56 2.68 14.12 -0.11
N THR B 57 3.13 15.10 -0.89
CA THR B 57 3.32 14.98 -2.31
C THR B 57 4.76 15.39 -2.60
N LEU B 58 5.52 14.49 -3.25
CA LEU B 58 6.93 14.70 -3.59
C LEU B 58 6.98 14.96 -5.06
N VAL B 59 7.68 16.02 -5.46
CA VAL B 59 7.74 16.44 -6.85
C VAL B 59 9.21 16.52 -7.20
N ASP B 60 9.58 15.75 -8.22
CA ASP B 60 10.94 15.79 -8.72
C ASP B 60 10.90 16.06 -10.19
N ARG B 61 11.24 17.27 -10.59
CA ARG B 61 11.16 17.69 -11.98
C ARG B 61 9.75 17.38 -12.46
N ASP B 62 9.63 16.40 -13.35
CA ASP B 62 8.36 16.05 -13.94
C ASP B 62 7.59 14.99 -13.12
N LEU B 63 8.28 14.26 -12.26
CA LEU B 63 7.65 13.17 -11.50
C LEU B 63 6.84 13.74 -10.34
N VAL B 64 5.58 13.31 -10.22
CA VAL B 64 4.76 13.67 -9.06
C VAL B 64 4.33 12.42 -8.28
N LEU B 65 4.74 12.30 -7.02
CA LEU B 65 4.28 11.17 -6.20
C LEU B 65 3.46 11.61 -4.99
N PHE B 66 2.46 10.84 -4.62
CA PHE B 66 1.78 11.02 -3.33
C PHE B 66 1.57 9.65 -2.78
N ASN B 67 1.01 9.57 -1.58
CA ASN B 67 1.05 8.37 -0.74
C ASN B 67 2.43 8.10 -0.16
N SER B 68 2.51 8.10 1.16
CA SER B 68 3.81 8.08 1.81
C SER B 68 4.50 6.74 1.62
N ARG B 69 3.74 5.63 1.59
CA ARG B 69 4.37 4.31 1.36
C ARG B 69 5.03 4.25 -0.04
N ILE B 70 4.36 4.76 -1.04
CA ILE B 70 4.92 4.78 -2.38
C ILE B 70 6.14 5.68 -2.45
N ILE B 71 6.03 6.85 -1.82
CA ILE B 71 7.19 7.75 -1.73
C ILE B 71 8.41 7.12 -1.04
N MSE B 72 8.18 6.49 0.09
CA MSE B 72 9.29 5.91 0.86
C MSE B 72 9.97 4.78 0.15
O MSE B 72 11.22 4.68 0.18
CB MSE B 72 8.80 5.45 2.25
CG MSE B 72 8.43 6.67 3.16
SE MSE B 72 7.97 5.99 4.95
CE MSE B 72 6.19 5.58 4.48
N GLU B 73 9.18 3.92 -0.50
CA GLU B 73 9.79 2.86 -1.29
C GLU B 73 10.51 3.41 -2.49
N TYR B 74 9.95 4.41 -3.16
CA TYR B 74 10.70 5.10 -4.21
C TYR B 74 12.07 5.61 -3.74
N LEU B 75 12.09 6.24 -2.55
CA LEU B 75 13.37 6.83 -2.07
C LEU B 75 14.35 5.70 -1.73
N ASP B 76 13.87 4.64 -1.07
CA ASP B 76 14.73 3.53 -0.73
C ASP B 76 15.31 2.84 -1.99
N GLU B 77 14.49 2.71 -3.04
CA GLU B 77 14.96 2.13 -4.32
C GLU B 77 15.90 3.09 -5.07
N ARG B 78 15.57 4.36 -5.14
CA ARG B 78 16.44 5.27 -5.88
C ARG B 78 17.77 5.56 -5.16
N PHE B 79 17.72 5.66 -3.83
CA PHE B 79 18.88 6.00 -2.99
C PHE B 79 19.16 4.83 -2.04
N PRO B 80 19.99 3.86 -2.49
CA PRO B 80 20.16 2.64 -1.74
C PRO B 80 20.80 2.79 -0.37
N HIS B 81 21.63 3.80 -0.14
CA HIS B 81 22.40 3.92 1.10
C HIS B 81 21.91 5.02 2.03
N PRO B 82 21.74 4.70 3.32
CA PRO B 82 21.74 3.35 3.92
C PRO B 82 20.39 2.62 3.64
N PRO B 83 20.44 1.27 3.61
CA PRO B 83 19.24 0.50 3.27
C PRO B 83 18.19 0.59 4.39
N LEU B 84 16.95 0.92 4.03
CA LEU B 84 15.89 0.95 5.03
C LEU B 84 14.95 -0.27 4.92
N MSE B 85 15.27 -1.18 4.00
CA MSE B 85 14.56 -2.50 3.91
C MSE B 85 15.61 -3.56 3.76
O MSE B 85 16.72 -3.29 3.31
CB MSE B 85 13.73 -2.52 2.65
CG MSE B 85 12.73 -1.45 2.71
SE MSE B 85 11.07 -2.22 3.32
CE MSE B 85 10.70 -2.15 1.43
N GLN B 86 15.27 -4.80 4.07
CA GLN B 86 16.25 -5.84 3.83
C GLN B 86 16.24 -6.22 2.39
N VAL B 87 17.07 -7.17 2.10
CA VAL B 87 17.41 -7.56 0.74
C VAL B 87 16.47 -8.70 0.29
N TYR B 88 16.12 -9.56 1.23
CA TYR B 88 15.51 -10.86 0.91
C TYR B 88 13.98 -10.82 0.93
N PRO B 89 13.33 -11.57 0.02
CA PRO B 89 11.88 -11.32 -0.12
C PRO B 89 11.02 -11.63 1.08
N VAL B 90 11.35 -12.65 1.88
CA VAL B 90 10.49 -12.97 3.05
C VAL B 90 10.56 -11.83 4.11
N SER B 91 11.75 -11.33 4.43
CA SER B 91 11.92 -10.20 5.38
C SER B 91 11.19 -8.98 4.88
N ARG B 92 11.31 -8.71 3.57
CA ARG B 92 10.63 -7.55 2.99
C ARG B 92 9.12 -7.65 3.14
N ALA B 93 8.58 -8.88 2.95
CA ALA B 93 7.13 -9.07 3.06
C ALA B 93 6.70 -8.92 4.52
N LYS B 94 7.45 -9.49 5.45
CA LYS B 94 7.09 -9.33 6.87
C LYS B 94 7.11 -7.86 7.30
N ASP B 95 8.10 -7.10 6.84
CA ASP B 95 8.14 -5.65 7.17
C ASP B 95 6.98 -4.89 6.57
N ARG B 96 6.62 -5.22 5.33
CA ARG B 96 5.47 -4.61 4.69
C ARG B 96 4.18 -4.89 5.45
N LEU B 97 4.04 -6.14 5.90
CA LEU B 97 2.81 -6.53 6.61
C LEU B 97 2.72 -5.84 7.98
N LEU B 98 3.88 -5.75 8.64
CA LEU B 98 4.00 -5.01 9.91
C LEU B 98 3.59 -3.55 9.76
N MSE B 99 4.03 -2.93 8.67
CA MSE B 99 3.70 -1.55 8.40
C MSE B 99 2.23 -1.35 8.20
O MSE B 99 1.62 -0.42 8.76
CB MSE B 99 4.50 -1.03 7.18
CG MSE B 99 5.97 -0.73 7.57
SE MSE B 99 7.04 -0.16 6.02
CE MSE B 99 7.87 -1.79 5.37
N LEU B 100 1.64 -2.22 7.37
CA LEU B 100 0.23 -2.17 7.09
C LEU B 100 -0.56 -2.27 8.40
N ARG B 101 -0.15 -3.17 9.27
CA ARG B 101 -0.87 -3.40 10.52
C ARG B 101 -0.72 -2.23 11.50
N ILE B 102 0.49 -1.66 11.57
CA ILE B 102 0.68 -0.45 12.37
C ILE B 102 -0.27 0.63 11.94
N GLU B 103 -0.27 0.90 10.64
CA GLU B 103 -1.10 1.90 10.03
C GLU B 103 -2.60 1.61 10.24
N GLN B 104 -3.00 0.35 10.09
CA GLN B 104 -4.41 -0.02 10.16
C GLN B 104 -4.94 -0.04 11.59
N ASP B 105 -4.18 -0.63 12.49
CA ASP B 105 -4.59 -0.84 13.87
C ASP B 105 -4.27 0.36 14.81
N TRP B 106 -3.06 0.94 14.73
CA TRP B 106 -2.68 1.99 15.67
C TRP B 106 -2.98 3.40 15.21
N TYR B 107 -2.72 3.72 13.93
CA TYR B 107 -2.92 5.07 13.46
C TYR B 107 -4.33 5.68 13.66
N PRO B 108 -5.42 4.88 13.47
CA PRO B 108 -6.75 5.49 13.69
C PRO B 108 -7.01 5.83 15.14
N THR B 109 -6.49 5.02 16.06
CA THR B 109 -6.58 5.28 17.49
C THR B 109 -5.82 6.57 17.85
N LEU B 110 -4.63 6.74 17.27
CA LEU B 110 -3.88 7.98 17.44
C LEU B 110 -4.67 9.17 16.94
N ALA B 111 -5.30 9.05 15.77
CA ALA B 111 -6.11 10.15 15.25
C ALA B 111 -7.31 10.51 16.19
N LYS B 112 -7.93 9.48 16.75
CA LYS B 112 -9.02 9.63 17.73
C LYS B 112 -8.46 10.40 18.94
N ALA B 113 -7.25 10.02 19.37
CA ALA B 113 -6.59 10.65 20.53
C ALA B 113 -6.27 12.12 20.31
N GLU B 114 -6.17 12.55 19.07
CA GLU B 114 -5.91 13.95 18.81
C GLU B 114 -7.20 14.70 18.53
N ASN B 115 -8.16 14.05 17.91
CA ASN B 115 -9.32 14.75 17.37
C ASN B 115 -10.69 14.37 17.95
N GLY B 116 -10.75 13.46 18.90
CA GLY B 116 -12.04 13.06 19.46
C GLY B 116 -12.57 13.97 20.57
N THR B 117 -13.71 13.58 21.13
CA THR B 117 -14.22 14.18 22.36
C THR B 117 -13.32 13.73 23.52
N GLU B 118 -13.50 14.39 24.67
CA GLU B 118 -12.61 14.17 25.81
C GLU B 118 -12.56 12.73 26.34
N LYS B 119 -13.69 12.05 26.37
CA LYS B 119 -13.71 10.63 26.76
C LYS B 119 -13.10 9.71 25.68
N GLU B 120 -13.29 10.07 24.41
CA GLU B 120 -12.61 9.38 23.30
C GLU B 120 -11.09 9.50 23.39
N LYS B 121 -10.58 10.74 23.53
CA LYS B 121 -9.16 10.98 23.73
C LYS B 121 -8.54 10.14 24.86
N THR B 122 -9.12 10.24 26.04
CA THR B 122 -8.66 9.50 27.22
C THR B 122 -8.72 8.02 26.94
N SER B 123 -9.76 7.62 26.24
CA SER B 123 -9.98 6.22 25.95
C SER B 123 -8.94 5.74 24.88
N ALA B 124 -8.73 6.56 23.85
CA ALA B 124 -7.72 6.26 22.83
C ALA B 124 -6.31 6.19 23.42
N LEU B 125 -5.93 7.17 24.24
CA LEU B 125 -4.63 7.16 24.91
C LEU B 125 -4.38 5.93 25.78
N LYS B 126 -5.38 5.53 26.57
CA LYS B 126 -5.22 4.34 27.41
C LYS B 126 -5.06 3.09 26.55
N GLN B 127 -5.85 3.00 25.50
CA GLN B 127 -5.77 1.86 24.59
C GLN B 127 -4.39 1.76 23.92
N LEU B 128 -3.88 2.88 23.38
CA LEU B 128 -2.54 2.87 22.74
C LEU B 128 -1.43 2.54 23.71
N LYS B 129 -1.54 3.14 24.90
CA LYS B 129 -0.64 2.84 26.01
C LYS B 129 -0.61 1.35 26.38
N GLU B 130 -1.77 0.75 26.58
CA GLU B 130 -1.82 -0.69 26.90
C GLU B 130 -1.18 -1.52 25.78
N GLU B 131 -1.59 -1.27 24.55
CA GLU B 131 -1.07 -2.00 23.39
C GLU B 131 0.44 -1.92 23.21
N LEU B 132 0.99 -0.71 23.32
CA LEU B 132 2.43 -0.56 23.22
C LEU B 132 3.18 -1.26 24.37
N LEU B 133 2.67 -1.13 25.59
CA LEU B 133 3.23 -1.91 26.70
C LEU B 133 3.17 -3.42 26.42
N GLY B 134 2.03 -3.87 25.90
CA GLY B 134 1.86 -5.27 25.50
C GLY B 134 2.91 -5.83 24.56
N ILE B 135 3.41 -5.02 23.64
CA ILE B 135 4.45 -5.51 22.71
C ILE B 135 5.89 -5.28 23.16
N ALA B 136 6.06 -4.79 24.39
CA ALA B 136 7.38 -4.63 24.99
C ALA B 136 8.34 -5.82 24.84
N PRO B 137 7.85 -7.08 24.99
CA PRO B 137 8.77 -8.22 24.85
C PRO B 137 9.55 -8.24 23.54
N ILE B 138 8.98 -7.66 22.49
CA ILE B 138 9.65 -7.47 21.21
C ILE B 138 11.12 -7.04 21.29
N PHE B 139 11.44 -6.12 22.21
CA PHE B 139 12.79 -5.57 22.29
C PHE B 139 13.84 -6.41 23.04
N GLN B 140 13.39 -7.35 23.86
CA GLN B 140 14.33 -8.25 24.55
C GLN B 140 15.15 -9.08 23.54
N GLN B 141 14.73 -9.02 22.28
CA GLN B 141 15.40 -9.73 21.19
C GLN B 141 16.14 -8.78 20.27
N MSE B 142 15.49 -7.69 19.85
CA MSE B 142 16.10 -6.80 18.83
C MSE B 142 15.97 -5.32 19.15
O MSE B 142 14.95 -4.91 19.67
CB MSE B 142 15.52 -7.13 17.46
CG MSE B 142 15.92 -8.52 16.97
SE MSE B 142 15.13 -8.88 15.24
CE MSE B 142 13.34 -9.40 15.84
N PRO B 143 17.00 -4.52 18.83
CA PRO B 143 16.95 -3.11 19.22
C PRO B 143 16.00 -2.22 18.39
N TYR B 144 15.71 -2.57 17.13
CA TYR B 144 14.72 -1.81 16.35
C TYR B 144 13.47 -2.62 16.23
N PHE B 145 12.41 -2.06 15.64
CA PHE B 145 11.11 -2.70 15.78
C PHE B 145 11.03 -3.97 14.92
N MSE B 146 11.24 -5.13 15.56
CA MSE B 146 11.24 -6.45 14.90
C MSE B 146 12.37 -6.50 13.90
O MSE B 146 12.26 -7.20 12.91
CB MSE B 146 9.92 -6.72 14.16
CG MSE B 146 8.70 -6.94 15.02
SE MSE B 146 9.02 -8.54 16.16
CE MSE B 146 8.51 -9.98 14.90
N ASN B 147 13.43 -5.71 14.11
CA ASN B 147 14.57 -5.73 13.20
C ASN B 147 15.84 -5.41 13.96
N GLU B 148 16.95 -5.90 13.41
CA GLU B 148 18.28 -5.66 13.94
C GLU B 148 18.77 -4.26 13.61
N GLU B 149 18.35 -3.72 12.44
CA GLU B 149 18.79 -2.39 11.99
C GLU B 149 17.59 -1.47 11.79
N PHE B 150 17.84 -0.16 11.83
CA PHE B 150 16.80 0.82 11.68
C PHE B 150 16.25 0.73 10.25
N GLY B 151 14.92 0.82 10.09
CA GLY B 151 14.36 0.73 8.74
C GLY B 151 13.01 1.38 8.64
N LEU B 152 12.32 1.12 7.50
CA LEU B 152 11.00 1.72 7.25
C LEU B 152 9.96 1.43 8.32
N VAL B 153 10.00 0.25 8.95
CA VAL B 153 9.04 -0.04 10.04
C VAL B 153 9.19 1.00 11.20
N ASP B 154 10.44 1.33 11.52
CA ASP B 154 10.73 2.36 12.54
C ASP B 154 10.25 3.74 12.09
N CYS B 155 10.24 3.99 10.78
CA CYS B 155 9.66 5.21 10.24
C CYS B 155 8.15 5.25 10.43
N TYR B 156 7.52 4.09 10.70
CA TYR B 156 6.10 4.10 11.06
C TYR B 156 5.94 4.22 12.58
N VAL B 157 6.76 3.52 13.35
CA VAL B 157 6.59 3.51 14.80
C VAL B 157 7.05 4.84 15.46
N ALA B 158 8.23 5.35 15.09
CA ALA B 158 8.77 6.56 15.73
C ALA B 158 7.86 7.81 15.66
N PRO B 159 7.26 8.13 14.49
CA PRO B 159 6.37 9.27 14.45
C PRO B 159 5.19 9.10 15.40
N LEU B 160 4.77 7.85 15.60
CA LEU B 160 3.61 7.58 16.46
C LEU B 160 3.96 7.77 17.94
N LEU B 161 5.14 7.28 18.35
CA LEU B 161 5.64 7.47 19.72
C LEU B 161 5.93 8.95 20.02
N TRP B 162 6.46 9.67 19.02
CA TRP B 162 6.69 11.07 19.10
C TRP B 162 5.39 11.81 19.39
N LYS B 163 4.32 11.48 18.67
CA LYS B 163 3.04 12.12 18.92
C LYS B 163 2.47 11.78 20.29
N LEU B 164 2.59 10.51 20.68
CA LEU B 164 2.10 10.09 21.99
C LEU B 164 2.86 10.84 23.11
N LYS B 165 4.19 10.87 23.05
CA LYS B 165 4.97 11.64 24.01
C LYS B 165 4.38 13.08 24.17
N HIS B 166 4.08 13.76 23.07
CA HIS B 166 3.61 15.13 23.12
C HIS B 166 2.14 15.28 23.43
N LEU B 167 1.45 14.16 23.59
CA LEU B 167 0.09 14.18 24.07
C LEU B 167 0.06 13.85 25.55
N GLY B 168 1.22 13.68 26.16
CA GLY B 168 1.30 13.47 27.61
C GLY B 168 1.47 12.04 28.09
N VAL B 169 1.45 11.08 27.17
CA VAL B 169 1.75 9.69 27.52
C VAL B 169 3.12 9.55 28.15
N GLU B 170 3.20 8.83 29.26
CA GLU B 170 4.46 8.55 29.97
C GLU B 170 4.43 7.07 30.31
N PHE B 171 5.46 6.31 29.93
CA PHE B 171 5.41 4.86 30.09
C PHE B 171 5.99 4.45 31.45
N THR B 172 5.18 3.78 32.25
CA THR B 172 5.63 3.23 33.54
C THR B 172 5.09 1.80 33.70
N GLY B 173 5.73 1.02 34.56
CA GLY B 173 5.31 -0.37 34.77
C GLY B 173 5.94 -1.33 33.78
N THR B 174 5.31 -2.50 33.61
CA THR B 174 5.93 -3.64 32.91
C THR B 174 5.98 -3.45 31.39
N GLY B 175 7.21 -3.47 30.88
CA GLY B 175 7.47 -3.20 29.49
C GLY B 175 7.95 -1.78 29.21
N SER B 176 7.95 -0.91 30.24
CA SER B 176 8.28 0.49 30.00
C SER B 176 9.77 0.75 29.80
N LYS B 177 10.63 -0.10 30.36
CA LYS B 177 12.08 0.06 30.13
C LYS B 177 12.51 -0.12 28.65
N ALA B 178 12.00 -1.18 28.02
CA ALA B 178 12.25 -1.44 26.61
C ALA B 178 11.69 -0.32 25.68
N ILE B 179 10.49 0.18 25.97
CA ILE B 179 9.90 1.27 25.17
C ILE B 179 10.69 2.60 25.27
N LYS B 180 11.11 2.95 26.48
CA LYS B 180 11.95 4.15 26.69
C LYS B 180 13.28 4.00 26.01
N ALA B 181 13.87 2.82 26.11
CA ALA B 181 15.14 2.55 25.41
C ALA B 181 14.96 2.72 23.88
N TYR B 182 13.88 2.18 23.31
CA TYR B 182 13.63 2.31 21.85
C TYR B 182 13.47 3.78 21.46
N MSE B 183 12.70 4.52 22.24
CA MSE B 183 12.51 5.93 22.00
C MSE B 183 13.80 6.69 21.91
O MSE B 183 13.97 7.47 20.98
CB MSE B 183 11.57 6.56 23.03
CG MSE B 183 10.12 6.23 22.67
SE MSE B 183 8.84 6.78 24.07
CE MSE B 183 8.54 8.59 23.61
N GLU B 184 14.72 6.47 22.86
CA GLU B 184 16.01 7.15 22.80
C GLU B 184 16.74 6.74 21.51
N ARG B 185 16.68 5.46 21.18
CA ARG B 185 17.42 4.94 20.02
C ARG B 185 16.95 5.61 18.73
N VAL B 186 15.64 5.80 18.60
CA VAL B 186 15.14 6.44 17.35
C VAL B 186 15.12 7.99 17.39
N PHE B 187 14.69 8.61 18.51
CA PHE B 187 14.55 10.07 18.55
C PHE B 187 15.88 10.82 18.39
N THR B 188 16.96 10.18 18.85
CA THR B 188 18.28 10.80 18.84
C THR B 188 19.08 10.56 17.57
N ARG B 189 18.48 9.85 16.60
CA ARG B 189 19.17 9.59 15.33
C ARG B 189 19.25 10.87 14.55
N ASP B 190 20.33 11.07 13.78
CA ASP B 190 20.46 12.31 12.97
C ASP B 190 19.23 12.59 12.10
N SER B 191 18.65 11.53 11.54
CA SER B 191 17.53 11.75 10.60
C SER B 191 16.28 12.21 11.34
N PHE B 192 16.03 11.61 12.49
CA PHE B 192 14.88 11.99 13.26
C PHE B 192 15.01 13.43 13.72
N LEU B 193 16.20 13.78 14.23
CA LEU B 193 16.52 15.18 14.60
C LEU B 193 16.22 16.16 13.48
N GLN B 194 16.71 15.89 12.26
CA GLN B 194 16.35 16.72 11.12
C GLN B 194 14.87 16.74 10.82
N SER B 195 14.17 15.63 11.03
CA SER B 195 12.75 15.59 10.66
C SER B 195 11.85 16.46 11.53
N VAL B 196 12.25 16.66 12.80
CA VAL B 196 11.45 17.48 13.73
C VAL B 196 12.09 18.84 13.96
N GLY B 197 13.06 19.19 13.11
CA GLY B 197 13.81 20.44 13.21
C GLY B 197 12.99 21.65 12.78
#